data_7ZCL
#
_entry.id   7ZCL
#
_cell.length_a   78.476
_cell.length_b   140.131
_cell.length_c   42.227
_cell.angle_alpha   90.000
_cell.angle_beta   90.000
_cell.angle_gamma   90.000
#
_symmetry.space_group_name_H-M   'P 21 21 21'
#
loop_
_entity.id
_entity.type
_entity.pdbx_description
1 polymer 'Collariella virescens UPO'
2 polymer 'Collariella virescens UPO'
3 non-polymer 'HEME C'
4 non-polymer 'MAGNESIUM ION'
5 water water
#
loop_
_entity_poly.entity_id
_entity_poly.type
_entity_poly.pdbx_seq_one_letter_code
_entity_poly.pdbx_strand_id
1 'polypeptide(L)'
;LDFSKWKTRQPGEFRAPCPAMNSLANHGFIPRDGRNITVAMLVPVLQEVFHLSPELAQTISTLGLFTAQDPSKGVFTLDD
LNRHNLFEHDASLSREDYYFHKDASTFRPEVFKKFMSHFKGKEYVTLEDAASARYAMVQESRKKNPTFTYTVQQRITSYG
ETIKYFRTIVEPATGKCPVAWIKILFEQERLPYNEGWRPPKAELSGFSMASDVLELALVTPEKLID
;
A
2 'polypeptide(L)'
;ALDFSKWKTRQPGEFRAPCPAMNSLANHGFIPRDGRNITVAMLVPVLQEVFHLSPELAQTISTLGLFTAQDPSKGVFTLD
DLNRHNLFEHDASLSREDYYFHKDASTFRPEVFKKFMSHFKGKEYVTLEDAASARYAMVQESRKKNPTFTYTVQQRITSY
GETIKYFRTIVEPATGKCPVAWIKILFEQERLPYNEGWRPPKAELSGFSMASDVLELALVTPEKLID
;
B
#
loop_
_chem_comp.id
_chem_comp.type
_chem_comp.name
_chem_comp.formula
HEC non-polymer 'HEME C' 'C34 H34 Fe N4 O4'
MG non-polymer 'MAGNESIUM ION' 'Mg 2'
#
# COMPACT_ATOMS: atom_id res chain seq x y z
N LEU A 1 22.62 17.08 -8.49
CA LEU A 1 22.77 15.68 -8.84
C LEU A 1 23.69 15.48 -10.04
N ASP A 2 25.00 15.33 -9.77
CA ASP A 2 25.97 15.07 -10.84
C ASP A 2 26.16 13.56 -10.97
N PHE A 3 25.57 12.98 -12.03
CA PHE A 3 25.67 11.54 -12.24
C PHE A 3 27.02 11.12 -12.82
N SER A 4 27.93 12.06 -13.06
CA SER A 4 29.23 11.75 -13.65
C SER A 4 30.29 11.40 -12.61
N LYS A 5 29.96 11.47 -11.32
CA LYS A 5 30.88 11.14 -10.24
C LYS A 5 30.87 9.65 -9.92
N TRP A 6 30.20 8.83 -10.74
CA TRP A 6 30.01 7.42 -10.43
C TRP A 6 31.33 6.64 -10.45
N LYS A 7 31.54 5.82 -9.41
CA LYS A 7 32.61 4.81 -9.33
C LYS A 7 32.04 3.53 -8.75
N THR A 8 32.43 2.39 -9.31
CA THR A 8 32.10 1.09 -8.73
C THR A 8 32.66 0.99 -7.31
N ARG A 9 32.12 0.03 -6.54
CA ARG A 9 32.52 -0.12 -5.15
C ARG A 9 34.00 -0.46 -5.04
N GLN A 10 34.64 0.04 -3.98
CA GLN A 10 36.07 -0.10 -3.76
C GLN A 10 36.30 -0.89 -2.48
N PRO A 11 37.47 -1.50 -2.31
CA PRO A 11 37.75 -2.20 -1.04
C PRO A 11 37.60 -1.29 0.16
N GLY A 12 37.02 -1.83 1.23
CA GLY A 12 36.79 -1.09 2.44
C GLY A 12 35.43 -0.41 2.51
N GLU A 13 34.73 -0.32 1.39
CA GLU A 13 33.46 0.38 1.31
C GLU A 13 32.31 -0.59 1.61
N PHE A 14 31.49 -0.25 2.60
CA PHE A 14 30.33 -1.08 2.92
C PHE A 14 29.28 -1.01 1.80
N ARG A 15 28.71 -2.17 1.45
CA ARG A 15 27.58 -2.25 0.52
C ARG A 15 26.52 -3.20 1.05
N ALA A 16 25.30 -3.00 0.59
CA ALA A 16 24.07 -3.64 1.06
C ALA A 16 23.62 -4.71 0.08
N PRO A 17 22.49 -5.40 0.31
CA PRO A 17 21.88 -6.21 -0.74
C PRO A 17 20.94 -5.43 -1.66
N CYS A 18 20.90 -4.12 -1.51
CA CYS A 18 20.01 -3.24 -2.27
C CYS A 18 20.74 -2.68 -3.48
N PRO A 19 20.26 -2.86 -4.71
CA PRO A 19 20.95 -2.19 -5.83
C PRO A 19 20.72 -0.69 -5.86
N ALA A 20 19.59 -0.20 -5.34
CA ALA A 20 19.36 1.24 -5.32
C ALA A 20 20.28 1.94 -4.32
N MET A 21 20.30 1.47 -3.07
CA MET A 21 21.17 2.06 -2.07
C MET A 21 22.63 1.95 -2.50
N ASN A 22 23.00 0.79 -3.07
CA ASN A 22 24.38 0.63 -3.53
C ASN A 22 24.71 1.59 -4.65
N SER A 23 23.72 1.91 -5.49
CA SER A 23 23.95 2.87 -6.57
C SER A 23 24.13 4.28 -6.01
N LEU A 24 23.31 4.67 -5.04
CA LEU A 24 23.46 5.97 -4.38
C LEU A 24 24.88 6.16 -3.85
N ALA A 25 25.41 5.14 -3.17
CA ALA A 25 26.76 5.23 -2.61
C ALA A 25 27.79 5.32 -3.73
N ASN A 26 27.66 4.45 -4.75
CA ASN A 26 28.58 4.48 -5.90
C ASN A 26 28.51 5.81 -6.66
N HIS A 27 27.35 6.46 -6.69
CA HIS A 27 27.23 7.78 -7.28
C HIS A 27 27.71 8.88 -6.35
N GLY A 28 28.00 8.57 -5.08
CA GLY A 28 28.35 9.60 -4.14
C GLY A 28 27.17 10.42 -3.65
N PHE A 29 25.94 9.93 -3.86
CA PHE A 29 24.76 10.67 -3.38
C PHE A 29 24.56 10.46 -1.89
N ILE A 30 25.06 9.35 -1.34
CA ILE A 30 25.25 9.13 0.09
C ILE A 30 26.73 8.82 0.26
N PRO A 31 27.27 8.84 1.50
CA PRO A 31 28.72 8.57 1.66
C PRO A 31 29.19 7.35 0.90
N ARG A 32 30.23 7.53 0.08
CA ARG A 32 30.72 6.51 -0.82
C ARG A 32 31.15 5.25 -0.09
N ASP A 33 31.67 5.40 1.13
CA ASP A 33 32.15 4.27 1.91
C ASP A 33 31.02 3.53 2.62
N GLY A 34 29.76 3.93 2.40
CA GLY A 34 28.62 3.21 2.90
C GLY A 34 28.41 3.35 4.40
N ARG A 35 28.99 4.37 5.02
CA ARG A 35 28.90 4.61 6.45
C ARG A 35 28.15 5.91 6.73
N ASN A 36 27.84 6.13 8.00
CA ASN A 36 27.36 7.43 8.47
C ASN A 36 26.06 7.85 7.81
N ILE A 37 25.13 6.92 7.68
CA ILE A 37 23.83 7.20 7.06
C ILE A 37 22.85 7.62 8.15
N THR A 38 22.15 8.74 7.93
CA THR A 38 21.04 9.14 8.79
C THR A 38 19.77 9.25 7.95
N VAL A 39 18.63 9.02 8.61
CA VAL A 39 17.35 9.21 7.96
C VAL A 39 17.22 10.63 7.42
N ALA A 40 17.72 11.62 8.17
CA ALA A 40 17.57 13.02 7.77
C ALA A 40 18.27 13.29 6.46
N MET A 41 19.44 12.66 6.24
CA MET A 41 20.19 12.86 5.00
C MET A 41 19.64 12.03 3.86
N LEU A 42 19.23 10.79 4.15
CA LEU A 42 18.78 9.87 3.10
C LEU A 42 17.44 10.31 2.53
N VAL A 43 16.52 10.81 3.36
CA VAL A 43 15.15 11.08 2.90
C VAL A 43 15.13 12.06 1.73
N PRO A 44 15.75 13.25 1.79
CA PRO A 44 15.76 14.12 0.60
C PRO A 44 16.35 13.45 -0.62
N VAL A 45 17.38 12.60 -0.45
CA VAL A 45 18.03 11.95 -1.59
C VAL A 45 17.06 11.01 -2.30
N LEU A 46 16.32 10.23 -1.51
CA LEU A 46 15.32 9.30 -2.05
C LEU A 46 14.24 10.05 -2.81
N GLN A 47 13.83 11.21 -2.29
CA GLN A 47 12.81 12.04 -2.91
C GLN A 47 13.30 12.63 -4.22
N GLU A 48 14.56 13.07 -4.26
CA GLU A 48 15.09 13.72 -5.45
C GLU A 48 15.49 12.71 -6.51
N VAL A 49 16.15 11.62 -6.11
CA VAL A 49 16.64 10.66 -7.09
C VAL A 49 15.53 9.73 -7.57
N PHE A 50 14.66 9.27 -6.66
CA PHE A 50 13.65 8.28 -7.00
C PHE A 50 12.22 8.77 -6.91
N HIS A 51 11.99 10.02 -6.50
CA HIS A 51 10.66 10.62 -6.40
C HIS A 51 9.74 9.77 -5.51
N LEU A 52 10.31 9.21 -4.43
CA LEU A 52 9.50 8.70 -3.32
C LEU A 52 8.80 9.84 -2.61
N SER A 53 7.55 9.60 -2.18
CA SER A 53 6.84 10.60 -1.40
C SER A 53 7.57 10.82 -0.08
N PRO A 54 7.34 11.95 0.61
CA PRO A 54 8.02 12.19 1.89
C PRO A 54 7.84 11.04 2.86
N GLU A 55 6.61 10.54 2.97
CA GLU A 55 6.29 9.56 3.98
C GLU A 55 6.85 8.19 3.65
N LEU A 56 6.75 7.76 2.39
CA LEU A 56 7.34 6.50 2.00
C LEU A 56 8.86 6.54 2.21
N ALA A 57 9.50 7.64 1.80
CA ALA A 57 10.95 7.78 2.04
C ALA A 57 11.29 7.71 3.52
N GLN A 58 10.56 8.49 4.36
CA GLN A 58 10.76 8.43 5.81
C GLN A 58 10.57 7.01 6.34
N THR A 59 9.60 6.28 5.81
CA THR A 59 9.30 4.93 6.32
C THR A 59 10.43 3.96 5.98
N ILE A 60 10.82 3.87 4.70
CA ILE A 60 11.84 2.92 4.28
C ILE A 60 13.19 3.27 4.91
N SER A 61 13.50 4.56 4.99
CA SER A 61 14.76 4.98 5.63
C SER A 61 14.79 4.59 7.10
N THR A 62 13.65 4.68 7.78
CA THR A 62 13.60 4.30 9.18
C THR A 62 13.69 2.79 9.35
N LEU A 63 13.04 2.02 8.47
CA LEU A 63 13.25 0.58 8.48
C LEU A 63 14.72 0.25 8.30
N GLY A 64 15.44 1.05 7.51
CA GLY A 64 16.89 0.90 7.40
C GLY A 64 17.62 1.19 8.71
N LEU A 65 17.27 2.30 9.37
CA LEU A 65 17.84 2.60 10.68
C LEU A 65 17.62 1.47 11.68
N PHE A 66 16.46 0.82 11.62
CA PHE A 66 16.15 -0.30 12.51
C PHE A 66 17.09 -1.49 12.32
N THR A 67 17.91 -1.51 11.28
CA THR A 67 18.90 -2.57 11.13
C THR A 67 20.25 -2.18 11.70
N ALA A 68 20.41 -0.96 12.23
CA ALA A 68 21.69 -0.54 12.79
C ALA A 68 22.06 -1.37 14.01
N GLN A 69 23.36 -1.42 14.29
CA GLN A 69 23.82 -2.09 15.50
C GLN A 69 23.19 -1.47 16.74
N ASP A 70 23.04 -0.13 16.76
CA ASP A 70 22.25 0.54 17.79
C ASP A 70 21.31 1.58 17.19
N PRO A 71 20.08 1.20 16.83
CA PRO A 71 19.20 2.16 16.15
C PRO A 71 18.90 3.42 16.96
N SER A 72 19.18 3.41 18.26
CA SER A 72 18.97 4.58 19.11
C SER A 72 19.88 5.74 18.71
N LYS A 73 21.09 5.43 18.24
CA LYS A 73 22.02 6.49 17.90
C LYS A 73 21.75 7.12 16.53
N GLY A 74 20.72 6.68 15.81
CA GLY A 74 20.29 7.38 14.61
C GLY A 74 21.16 7.26 13.38
N VAL A 75 22.17 6.38 13.40
CA VAL A 75 23.10 6.22 12.28
C VAL A 75 23.14 4.75 11.88
N PHE A 76 23.19 4.47 10.57
CA PHE A 76 23.39 3.11 10.12
C PHE A 76 24.32 3.10 8.92
N THR A 77 24.72 1.89 8.54
CA THR A 77 25.60 1.68 7.40
C THR A 77 24.95 0.75 6.39
N LEU A 78 25.53 0.70 5.19
CA LEU A 78 25.05 -0.24 4.21
C LEU A 78 25.31 -1.67 4.64
N ASP A 79 26.29 -1.90 5.52
CA ASP A 79 26.56 -3.25 6.02
C ASP A 79 25.49 -3.69 7.00
N ASP A 80 24.92 -2.74 7.76
CA ASP A 80 23.78 -3.06 8.61
C ASP A 80 22.63 -3.64 7.80
N LEU A 81 22.43 -3.17 6.56
CA LEU A 81 21.33 -3.67 5.74
C LEU A 81 21.53 -5.11 5.31
N ASN A 82 22.74 -5.65 5.45
CA ASN A 82 23.01 -7.06 5.14
C ASN A 82 22.56 -8.02 6.24
N ARG A 83 22.09 -7.55 7.38
CA ARG A 83 21.76 -8.45 8.49
C ARG A 83 20.52 -9.27 8.14
N HIS A 84 20.68 -10.59 8.11
CA HIS A 84 19.63 -11.49 7.67
C HIS A 84 18.37 -11.44 8.53
N ASN A 85 17.23 -11.42 7.86
CA ASN A 85 15.92 -11.43 8.49
C ASN A 85 15.64 -10.19 9.33
N LEU A 86 16.43 -9.14 9.20
CA LEU A 86 15.96 -7.85 9.69
C LEU A 86 15.22 -7.16 8.56
N PHE A 87 15.96 -6.62 7.59
CA PHE A 87 15.40 -6.06 6.38
C PHE A 87 15.62 -7.01 5.21
N GLU A 88 16.87 -7.44 5.02
CA GLU A 88 17.23 -8.49 4.07
C GLU A 88 16.43 -9.76 4.34
N HIS A 89 16.02 -10.43 3.25
CA HIS A 89 15.14 -11.59 3.33
C HIS A 89 15.46 -12.62 2.26
N ASP A 90 14.91 -13.81 2.44
CA ASP A 90 15.04 -14.90 1.48
C ASP A 90 14.24 -14.58 0.22
N ALA A 91 14.55 -15.34 -0.84
CA ALA A 91 13.80 -15.29 -2.09
C ALA A 91 14.06 -13.96 -2.79
N SER A 92 15.31 -13.50 -2.71
CA SER A 92 15.71 -12.30 -3.41
C SER A 92 15.86 -12.57 -4.90
N LEU A 93 15.94 -11.46 -5.66
CA LEU A 93 15.99 -11.50 -7.11
C LEU A 93 17.40 -11.68 -7.65
N SER A 94 18.39 -11.17 -6.94
CA SER A 94 19.73 -11.14 -7.46
C SER A 94 20.74 -11.63 -6.45
N ARG A 95 20.28 -12.09 -5.29
CA ARG A 95 21.13 -12.58 -4.22
C ARG A 95 20.63 -13.95 -3.80
N GLU A 96 21.53 -14.78 -3.28
CA GLU A 96 21.07 -16.08 -2.78
C GLU A 96 20.68 -15.97 -1.31
N ASP A 97 19.82 -16.90 -0.86
CA ASP A 97 19.47 -16.95 0.56
C ASP A 97 20.71 -17.05 1.43
N TYR A 98 20.68 -16.29 2.51
CA TYR A 98 21.71 -16.35 3.55
C TYR A 98 22.09 -17.78 3.91
N TYR A 99 21.10 -18.65 4.05
CA TYR A 99 21.32 -20.06 4.39
C TYR A 99 22.51 -20.70 3.68
N PHE A 100 22.69 -20.43 2.39
CA PHE A 100 23.57 -21.26 1.57
C PHE A 100 25.04 -20.98 1.82
N HIS A 101 25.46 -19.72 1.81
CA HIS A 101 26.87 -19.40 2.08
C HIS A 101 27.05 -18.34 3.14
N LYS A 102 25.99 -17.98 3.86
CA LYS A 102 26.01 -16.91 4.85
C LYS A 102 26.42 -15.60 4.20
N ASP A 103 25.99 -15.39 2.96
CA ASP A 103 26.25 -14.16 2.23
C ASP A 103 25.05 -13.92 1.30
N ALA A 104 24.06 -13.20 1.82
CA ALA A 104 22.92 -12.71 1.05
C ALA A 104 23.13 -11.27 0.58
N SER A 105 24.38 -10.83 0.48
CA SER A 105 24.71 -9.48 0.04
C SER A 105 25.37 -9.43 -1.33
N THR A 106 26.21 -10.41 -1.64
CA THR A 106 26.98 -10.39 -2.88
C THR A 106 26.08 -10.66 -4.06
N PHE A 107 26.17 -9.82 -5.09
CA PHE A 107 25.40 -10.03 -6.31
C PHE A 107 25.76 -11.39 -6.91
N ARG A 108 24.72 -12.18 -7.27
CA ARG A 108 24.95 -13.53 -7.77
C ARG A 108 24.53 -13.65 -9.22
N PRO A 109 25.46 -13.69 -10.18
CA PRO A 109 25.08 -13.82 -11.59
C PRO A 109 24.08 -14.93 -11.85
N GLU A 110 24.23 -16.07 -11.19
CA GLU A 110 23.41 -17.24 -11.49
C GLU A 110 21.98 -17.08 -10.96
N VAL A 111 21.82 -16.33 -9.86
CA VAL A 111 20.49 -15.96 -9.40
C VAL A 111 19.87 -14.95 -10.36
N PHE A 112 20.66 -13.94 -10.75
CA PHE A 112 20.13 -12.87 -11.59
C PHE A 112 19.74 -13.40 -12.97
N LYS A 113 20.48 -14.40 -13.46
CA LYS A 113 20.15 -15.06 -14.71
C LYS A 113 18.76 -15.71 -14.65
N LYS A 114 18.47 -16.42 -13.56
CA LYS A 114 17.14 -17.00 -13.39
C LYS A 114 16.07 -15.91 -13.42
N PHE A 115 16.26 -14.85 -12.63
CA PHE A 115 15.29 -13.77 -12.55
C PHE A 115 15.02 -13.18 -13.93
N MET A 116 16.10 -12.80 -14.64
CA MET A 116 15.99 -12.10 -15.93
C MET A 116 15.39 -12.98 -17.03
N SER A 117 15.52 -14.31 -16.91
CA SER A 117 14.96 -15.20 -17.92
C SER A 117 13.44 -15.05 -18.04
N HIS A 118 12.79 -14.49 -17.03
CA HIS A 118 11.37 -14.20 -17.10
C HIS A 118 11.02 -13.06 -18.03
N PHE A 119 12.00 -12.29 -18.49
CA PHE A 119 11.78 -11.24 -19.47
C PHE A 119 12.41 -11.54 -20.81
N LYS A 120 12.82 -12.78 -21.07
CA LYS A 120 13.59 -13.11 -22.27
C LYS A 120 12.83 -12.67 -23.51
N GLY A 121 13.55 -12.05 -24.45
CA GLY A 121 12.93 -11.57 -25.66
C GLY A 121 12.08 -10.34 -25.50
N LYS A 122 12.15 -9.65 -24.36
CA LYS A 122 11.37 -8.44 -24.16
C LYS A 122 12.31 -7.29 -23.88
N GLU A 123 11.93 -6.12 -24.37
CA GLU A 123 12.67 -4.91 -24.04
C GLU A 123 12.19 -4.27 -22.74
N TYR A 124 10.94 -4.54 -22.36
CA TYR A 124 10.30 -3.94 -21.19
C TYR A 124 9.76 -4.99 -20.24
N VAL A 125 9.86 -4.68 -18.94
CA VAL A 125 9.27 -5.49 -17.89
C VAL A 125 7.77 -5.23 -17.86
N THR A 126 6.98 -6.29 -18.00
CA THR A 126 5.54 -6.19 -17.79
C THR A 126 5.20 -6.56 -16.35
N LEU A 127 4.07 -6.05 -15.86
CA LEU A 127 3.61 -6.42 -14.51
C LEU A 127 3.58 -7.92 -14.35
N GLU A 128 2.97 -8.62 -15.31
CA GLU A 128 2.82 -10.07 -15.24
C GLU A 128 4.17 -10.78 -15.19
N ASP A 129 5.13 -10.38 -16.02
CA ASP A 129 6.44 -11.04 -15.98
C ASP A 129 7.17 -10.76 -14.67
N ALA A 130 7.07 -9.52 -14.16
CA ALA A 130 7.69 -9.19 -12.89
C ALA A 130 7.08 -10.00 -11.75
N ALA A 131 5.76 -10.20 -11.80
CA ALA A 131 5.09 -11.05 -10.82
C ALA A 131 5.65 -12.46 -10.87
N SER A 132 5.73 -13.02 -12.10
CA SER A 132 6.22 -14.38 -12.27
C SER A 132 7.65 -14.52 -11.77
N ALA A 133 8.51 -13.55 -12.07
CA ALA A 133 9.91 -13.65 -11.71
C ALA A 133 10.12 -13.64 -10.20
N ARG A 134 9.45 -12.72 -9.49
CA ARG A 134 9.56 -12.69 -8.03
C ARG A 134 9.00 -13.98 -7.41
N TYR A 135 7.85 -14.44 -7.89
CA TYR A 135 7.24 -15.63 -7.29
C TYR A 135 8.06 -16.88 -7.58
N ALA A 136 8.77 -16.92 -8.71
CA ALA A 136 9.66 -18.03 -8.99
C ALA A 136 10.77 -18.12 -7.93
N MET A 137 11.22 -16.97 -7.41
CA MET A 137 12.27 -17.04 -6.41
C MET A 137 11.73 -17.51 -5.08
N VAL A 138 10.46 -17.20 -4.81
CA VAL A 138 9.81 -17.69 -3.60
C VAL A 138 9.70 -19.21 -3.66
N GLN A 139 9.25 -19.72 -4.82
CA GLN A 139 9.12 -21.17 -5.00
C GLN A 139 10.48 -21.87 -4.90
N GLU A 140 11.54 -21.27 -5.45
CA GLU A 140 12.86 -21.90 -5.35
C GLU A 140 13.32 -21.99 -3.91
N SER A 141 13.26 -20.87 -3.17
CA SER A 141 13.64 -20.86 -1.75
C SER A 141 12.83 -21.88 -0.97
N ARG A 142 11.53 -21.97 -1.27
CA ARG A 142 10.65 -22.88 -0.53
C ARG A 142 11.01 -24.35 -0.79
N LYS A 143 11.52 -24.66 -1.98
CA LYS A 143 11.87 -26.02 -2.32
C LYS A 143 13.31 -26.36 -1.98
N LYS A 144 14.16 -25.36 -1.75
CA LYS A 144 15.59 -25.56 -1.57
C LYS A 144 16.10 -25.22 -0.17
N ASN A 145 15.50 -24.24 0.48
CA ASN A 145 16.03 -23.70 1.72
C ASN A 145 15.20 -24.19 2.89
N PRO A 146 15.74 -25.08 3.74
CA PRO A 146 14.95 -25.57 4.88
C PRO A 146 14.67 -24.49 5.90
N THR A 147 15.45 -23.40 5.92
CA THR A 147 15.21 -22.31 6.85
C THR A 147 14.38 -21.18 6.26
N PHE A 148 13.76 -21.39 5.09
CA PHE A 148 13.01 -20.33 4.40
C PHE A 148 12.08 -19.60 5.36
N THR A 149 12.20 -18.27 5.40
CA THR A 149 11.35 -17.42 6.26
C THR A 149 10.69 -16.37 5.38
N TYR A 150 9.35 -16.34 5.39
CA TYR A 150 8.50 -15.57 4.47
C TYR A 150 7.21 -15.21 5.22
N THR A 151 7.34 -14.33 6.20
CA THR A 151 6.24 -13.87 7.02
C THR A 151 5.59 -12.63 6.40
N VAL A 152 4.59 -12.09 7.11
CA VAL A 152 3.90 -10.88 6.69
C VAL A 152 4.90 -9.79 6.32
N GLN A 153 5.93 -9.61 7.15
CA GLN A 153 6.88 -8.53 6.96
C GLN A 153 7.69 -8.75 5.69
N GLN A 154 8.21 -9.97 5.50
CA GLN A 154 9.00 -10.27 4.30
C GLN A 154 8.17 -10.20 3.03
N ARG A 155 6.87 -10.53 3.11
CA ARG A 155 6.02 -10.53 1.93
C ARG A 155 5.90 -9.13 1.35
N ILE A 156 5.62 -8.14 2.21
CA ILE A 156 5.41 -6.79 1.69
C ILE A 156 6.73 -6.20 1.20
N THR A 157 7.84 -6.49 1.88
CA THR A 157 9.11 -5.96 1.41
C THR A 157 9.48 -6.56 0.05
N SER A 158 9.24 -7.88 -0.13
CA SER A 158 9.47 -8.56 -1.42
C SER A 158 8.59 -7.99 -2.53
N TYR A 159 7.28 -7.93 -2.30
CA TYR A 159 6.38 -7.33 -3.28
C TYR A 159 6.77 -5.88 -3.55
N GLY A 160 7.11 -5.13 -2.48
CA GLY A 160 7.45 -3.72 -2.62
C GLY A 160 8.73 -3.48 -3.38
N GLU A 161 9.69 -4.39 -3.26
CA GLU A 161 10.94 -4.26 -4.01
C GLU A 161 10.71 -4.40 -5.50
N THR A 162 9.79 -5.28 -5.90
CA THR A 162 9.53 -5.43 -7.32
C THR A 162 8.86 -4.18 -7.86
N ILE A 163 7.90 -3.63 -7.11
CA ILE A 163 7.24 -2.38 -7.45
C ILE A 163 8.25 -1.25 -7.53
N LYS A 164 9.20 -1.21 -6.59
CA LYS A 164 10.19 -0.12 -6.58
C LYS A 164 10.99 -0.07 -7.89
N TYR A 165 11.48 -1.20 -8.37
CA TYR A 165 12.26 -1.13 -9.60
C TYR A 165 11.33 -0.91 -10.78
N PHE A 166 10.14 -1.52 -10.75
CA PHE A 166 9.18 -1.41 -11.85
C PHE A 166 8.68 0.02 -12.02
N ARG A 167 8.64 0.79 -10.94
CA ARG A 167 8.11 2.15 -10.98
C ARG A 167 9.22 3.20 -11.07
N THR A 168 10.42 2.91 -10.57
CA THR A 168 11.45 3.94 -10.54
C THR A 168 12.43 3.85 -11.69
N ILE A 169 12.71 2.64 -12.22
CA ILE A 169 13.68 2.51 -13.29
C ILE A 169 12.91 2.55 -14.60
N VAL A 170 12.35 3.71 -14.93
CA VAL A 170 11.45 3.83 -16.06
C VAL A 170 11.90 4.95 -16.99
N GLU A 171 11.47 4.85 -18.24
CA GLU A 171 11.72 5.89 -19.23
C GLU A 171 10.85 7.10 -18.92
N PRO A 172 11.43 8.30 -18.85
CA PRO A 172 10.58 9.50 -18.69
C PRO A 172 9.47 9.58 -19.73
N ALA A 173 9.74 9.20 -20.98
CA ALA A 173 8.75 9.40 -22.05
C ALA A 173 7.61 8.37 -21.97
N THR A 174 7.85 7.20 -21.39
CA THR A 174 6.85 6.14 -21.39
C THR A 174 6.38 5.70 -20.01
N GLY A 175 7.19 5.91 -18.97
CA GLY A 175 6.83 5.30 -17.71
C GLY A 175 7.08 3.82 -17.65
N LYS A 176 7.67 3.22 -18.69
CA LYS A 176 7.87 1.78 -18.75
C LYS A 176 9.30 1.41 -18.35
N CYS A 177 9.46 0.16 -17.90
CA CYS A 177 10.69 -0.32 -17.28
C CYS A 177 11.52 -1.12 -18.27
N PRO A 178 12.64 -0.60 -18.78
CA PRO A 178 13.45 -1.38 -19.72
C PRO A 178 14.31 -2.44 -19.05
N VAL A 179 14.25 -3.64 -19.63
CA VAL A 179 15.06 -4.77 -19.19
C VAL A 179 16.54 -4.40 -19.10
N ALA A 180 17.02 -3.62 -20.09
CA ALA A 180 18.44 -3.24 -20.12
C ALA A 180 18.84 -2.32 -18.98
N TRP A 181 17.88 -1.57 -18.42
CA TRP A 181 18.23 -0.63 -17.35
C TRP A 181 18.27 -1.33 -15.99
N ILE A 182 17.30 -2.23 -15.76
CA ILE A 182 17.36 -3.22 -14.70
C ILE A 182 18.70 -3.95 -14.70
N LYS A 183 19.13 -4.40 -15.87
CA LYS A 183 20.42 -5.09 -15.95
C LYS A 183 21.53 -4.19 -15.43
N ILE A 184 21.56 -2.93 -15.87
CA ILE A 184 22.58 -1.98 -15.42
C ILE A 184 22.48 -1.73 -13.93
N LEU A 185 21.27 -1.51 -13.42
CA LEU A 185 21.10 -1.21 -12.00
C LEU A 185 21.67 -2.32 -11.13
N PHE A 186 21.25 -3.56 -11.43
CA PHE A 186 21.62 -4.69 -10.58
C PHE A 186 23.08 -5.06 -10.74
N GLU A 187 23.57 -5.10 -12.00
CA GLU A 187 24.91 -5.60 -12.28
C GLU A 187 25.98 -4.55 -12.00
N GLN A 188 25.73 -3.31 -12.39
CA GLN A 188 26.72 -2.25 -12.23
C GLN A 188 26.48 -1.41 -10.99
N GLU A 189 25.29 -1.48 -10.41
CA GLU A 189 24.88 -0.52 -9.39
C GLU A 189 25.23 0.90 -9.80
N ARG A 190 24.80 1.22 -11.03
CA ARG A 190 24.81 2.55 -11.61
C ARG A 190 23.39 2.89 -12.02
N LEU A 191 22.97 4.12 -11.75
CA LEU A 191 21.70 4.56 -12.29
C LEU A 191 21.91 4.90 -13.76
N PRO A 192 21.11 4.31 -14.72
CA PRO A 192 21.39 4.45 -16.15
C PRO A 192 21.05 5.81 -16.74
N TYR A 193 21.47 6.88 -16.04
CA TYR A 193 21.35 8.24 -16.53
C TYR A 193 21.90 8.37 -17.94
N ASN A 194 23.14 7.88 -18.15
CA ASN A 194 23.81 7.98 -19.45
C ASN A 194 22.97 7.36 -20.55
N GLU A 195 22.24 6.31 -20.22
CA GLU A 195 21.37 5.62 -21.16
C GLU A 195 20.02 6.30 -21.34
N GLY A 196 19.72 7.39 -20.63
CA GLY A 196 18.46 8.10 -20.80
C GLY A 196 17.54 8.09 -19.61
N TRP A 197 17.94 7.47 -18.50
CA TRP A 197 17.11 7.42 -17.30
C TRP A 197 17.15 8.77 -16.61
N ARG A 198 16.03 9.17 -16.04
CA ARG A 198 15.95 10.31 -15.14
C ARG A 198 15.04 9.99 -13.97
N PRO A 199 15.17 10.73 -12.86
CA PRO A 199 14.23 10.59 -11.72
C PRO A 199 12.79 10.58 -12.22
N PRO A 200 11.97 9.67 -11.69
CA PRO A 200 10.64 9.45 -12.27
C PRO A 200 9.75 10.67 -12.15
N LYS A 201 8.91 10.86 -13.18
CA LYS A 201 7.97 11.97 -13.18
C LYS A 201 6.85 11.72 -12.17
N ALA A 202 6.43 10.47 -12.05
CA ALA A 202 5.36 10.09 -11.12
C ALA A 202 5.93 9.81 -9.74
N GLU A 203 5.21 10.26 -8.71
CA GLU A 203 5.58 10.03 -7.31
C GLU A 203 5.25 8.60 -6.90
N LEU A 204 6.20 7.92 -6.26
CA LEU A 204 5.90 6.63 -5.64
C LEU A 204 5.53 6.89 -4.18
N SER A 205 4.26 6.72 -3.86
CA SER A 205 3.74 6.98 -2.52
C SER A 205 3.33 5.67 -1.87
N GLY A 206 3.01 5.74 -0.58
CA GLY A 206 2.52 4.55 0.10
C GLY A 206 1.24 4.04 -0.52
N PHE A 207 0.35 4.95 -0.90
CA PHE A 207 -0.92 4.59 -1.52
C PHE A 207 -0.73 4.02 -2.92
N SER A 208 0.11 4.66 -3.75
CA SER A 208 0.33 4.15 -5.10
C SER A 208 1.04 2.79 -5.03
N MET A 209 1.91 2.62 -4.03
CA MET A 209 2.51 1.32 -3.77
C MET A 209 1.47 0.28 -3.41
N ALA A 210 0.49 0.66 -2.58
CA ALA A 210 -0.56 -0.27 -2.18
C ALA A 210 -1.33 -0.78 -3.40
N SER A 211 -1.70 0.14 -4.30
CA SER A 211 -2.36 -0.25 -5.54
C SER A 211 -1.49 -1.17 -6.38
N ASP A 212 -0.21 -0.82 -6.51
CA ASP A 212 0.68 -1.60 -7.36
C ASP A 212 0.93 -2.98 -6.77
N VAL A 213 1.07 -3.07 -5.44
CA VAL A 213 1.27 -4.36 -4.79
C VAL A 213 0.04 -5.24 -4.95
N LEU A 214 -1.15 -4.64 -4.82
CA LEU A 214 -2.38 -5.37 -5.10
C LEU A 214 -2.39 -5.92 -6.52
N GLU A 215 -2.05 -5.07 -7.50
CA GLU A 215 -2.09 -5.51 -8.88
C GLU A 215 -1.08 -6.63 -9.12
N LEU A 216 0.13 -6.51 -8.56
CA LEU A 216 1.09 -7.62 -8.58
C LEU A 216 0.50 -8.89 -8.01
N ALA A 217 -0.18 -8.81 -6.86
CA ALA A 217 -0.66 -10.04 -6.25
C ALA A 217 -1.78 -10.66 -7.09
N LEU A 218 -2.57 -9.83 -7.77
CA LEU A 218 -3.68 -10.36 -8.55
C LEU A 218 -3.20 -11.06 -9.83
N VAL A 219 -1.97 -10.81 -10.29
CA VAL A 219 -1.42 -11.58 -11.39
C VAL A 219 -0.31 -12.54 -10.91
N THR A 220 -0.29 -12.87 -9.62
CA THR A 220 0.64 -13.86 -9.09
C THR A 220 -0.13 -15.08 -8.64
N PRO A 221 0.23 -16.33 -9.07
CA PRO A 221 -0.50 -17.53 -8.61
C PRO A 221 -0.10 -17.95 -7.20
N GLU A 222 -0.13 -17.00 -6.26
CA GLU A 222 0.28 -17.19 -4.87
C GLU A 222 -0.93 -16.97 -3.97
N LYS A 223 -1.24 -17.95 -3.14
CA LYS A 223 -2.34 -17.85 -2.18
C LYS A 223 -1.94 -18.50 -0.88
N LEU A 224 -2.37 -17.89 0.23
CA LEU A 224 -2.26 -18.49 1.55
C LEU A 224 -3.49 -19.31 1.94
N ILE A 225 -4.62 -19.13 1.24
CA ILE A 225 -5.77 -20.02 1.36
C ILE A 225 -5.62 -21.17 0.36
N ASP A 226 -6.66 -21.96 0.20
CA ASP A 226 -6.58 -23.14 -0.67
C ASP A 226 -7.87 -23.37 -1.47
N ALA B 1 -10.13 16.32 23.92
CA ALA B 1 -9.98 17.17 22.74
C ALA B 1 -11.18 17.05 21.81
N LEU B 2 -11.75 15.84 21.69
CA LEU B 2 -12.88 15.62 20.80
C LEU B 2 -14.08 15.17 21.63
N ASP B 3 -15.27 15.68 21.31
CA ASP B 3 -16.48 15.38 22.06
C ASP B 3 -17.34 14.41 21.25
N PHE B 4 -17.36 13.15 21.67
CA PHE B 4 -18.11 12.12 20.96
C PHE B 4 -19.57 12.05 21.39
N SER B 5 -19.95 12.77 22.46
CA SER B 5 -21.31 12.78 22.95
C SER B 5 -22.23 13.70 22.15
N LYS B 6 -21.70 14.44 21.19
CA LYS B 6 -22.50 15.37 20.41
C LYS B 6 -23.18 14.72 19.22
N TRP B 7 -23.20 13.39 19.17
CA TRP B 7 -23.68 12.67 18.00
C TRP B 7 -25.18 12.86 17.83
N LYS B 8 -25.58 13.20 16.61
CA LYS B 8 -26.98 13.17 16.17
C LYS B 8 -27.03 12.44 14.84
N THR B 9 -28.04 11.60 14.66
CA THR B 9 -28.28 11.02 13.35
C THR B 9 -28.58 12.10 12.32
N ARG B 10 -28.56 11.71 11.04
CA ARG B 10 -28.69 12.65 9.93
C ARG B 10 -29.97 13.47 10.06
N GLN B 11 -29.87 14.79 9.92
CA GLN B 11 -31.03 15.67 10.03
C GLN B 11 -31.47 16.16 8.66
N PRO B 12 -32.74 16.61 8.53
CA PRO B 12 -33.24 17.13 7.25
C PRO B 12 -32.29 18.12 6.60
N GLY B 13 -32.16 18.04 5.27
CA GLY B 13 -31.29 18.91 4.52
C GLY B 13 -29.82 18.56 4.57
N GLU B 14 -29.39 17.65 5.43
CA GLU B 14 -27.97 17.38 5.56
C GLU B 14 -27.53 16.37 4.52
N PHE B 15 -26.44 16.67 3.80
CA PHE B 15 -25.93 15.77 2.77
C PHE B 15 -25.23 14.59 3.45
N ARG B 16 -25.33 13.40 2.83
CA ARG B 16 -24.60 12.23 3.31
C ARG B 16 -24.09 11.45 2.10
N ALA B 17 -23.01 10.70 2.34
CA ALA B 17 -22.17 10.01 1.36
C ALA B 17 -22.47 8.52 1.33
N PRO B 18 -21.81 7.72 0.49
CA PRO B 18 -21.89 6.26 0.64
C PRO B 18 -20.86 5.71 1.62
N CYS B 19 -20.14 6.59 2.30
CA CYS B 19 -19.09 6.20 3.23
C CYS B 19 -19.59 6.25 4.67
N PRO B 20 -19.60 5.14 5.39
CA PRO B 20 -20.09 5.18 6.78
C PRO B 20 -19.17 5.95 7.72
N ALA B 21 -17.88 6.09 7.40
CA ALA B 21 -16.97 6.82 8.26
C ALA B 21 -17.14 8.32 8.09
N MET B 22 -17.19 8.81 6.84
CA MET B 22 -17.45 10.21 6.58
C MET B 22 -18.82 10.62 7.11
N ASN B 23 -19.82 9.73 7.00
CA ASN B 23 -21.14 10.04 7.54
C ASN B 23 -21.11 10.12 9.07
N SER B 24 -20.39 9.20 9.73
CA SER B 24 -20.20 9.28 11.18
C SER B 24 -19.48 10.55 11.57
N LEU B 25 -18.45 10.95 10.83
CA LEU B 25 -17.77 12.20 11.17
C LEU B 25 -18.76 13.36 11.17
N ALA B 26 -19.68 13.37 10.20
CA ALA B 26 -20.64 14.45 10.12
C ALA B 26 -21.67 14.34 11.22
N ASN B 27 -22.21 13.13 11.43
CA ASN B 27 -23.18 12.91 12.49
C ASN B 27 -22.62 13.26 13.87
N HIS B 28 -21.32 13.10 14.05
CA HIS B 28 -20.63 13.52 15.26
C HIS B 28 -20.29 15.00 15.28
N GLY B 29 -20.42 15.69 14.15
CA GLY B 29 -20.09 17.09 14.09
C GLY B 29 -18.60 17.35 14.07
N PHE B 30 -17.80 16.34 13.72
CA PHE B 30 -16.36 16.52 13.69
C PHE B 30 -15.97 17.20 12.38
N ILE B 31 -16.77 17.01 11.33
CA ILE B 31 -16.76 17.83 10.13
C ILE B 31 -18.14 18.49 10.08
N PRO B 32 -18.38 19.50 9.23
CA PRO B 32 -19.71 20.14 9.19
C PRO B 32 -20.89 19.18 9.10
N ARG B 33 -21.83 19.34 10.03
CA ARG B 33 -22.99 18.45 10.17
C ARG B 33 -23.76 18.30 8.89
N ASP B 34 -23.90 19.39 8.12
CA ASP B 34 -24.70 19.37 6.92
C ASP B 34 -24.01 18.70 5.75
N GLY B 35 -22.83 18.11 5.97
CA GLY B 35 -22.11 17.47 4.89
C GLY B 35 -21.54 18.39 3.84
N ARG B 36 -21.38 19.68 4.14
CA ARG B 36 -20.92 20.68 3.17
C ARG B 36 -19.65 21.34 3.66
N ASN B 37 -18.99 22.07 2.76
CA ASN B 37 -17.79 22.84 3.07
C ASN B 37 -16.68 21.97 3.67
N ILE B 38 -16.46 20.81 3.08
CA ILE B 38 -15.29 20.00 3.45
C ILE B 38 -14.10 20.46 2.63
N THR B 39 -12.99 20.73 3.30
CA THR B 39 -11.71 21.03 2.64
C THR B 39 -10.66 20.01 3.06
N VAL B 40 -9.63 19.86 2.23
CA VAL B 40 -8.55 18.93 2.58
C VAL B 40 -7.89 19.36 3.88
N ALA B 41 -7.69 20.68 4.06
CA ALA B 41 -6.97 21.20 5.21
C ALA B 41 -7.73 20.94 6.52
N MET B 42 -9.06 20.98 6.45
CA MET B 42 -9.89 20.71 7.63
C MET B 42 -9.94 19.21 7.95
N LEU B 43 -10.05 18.38 6.91
CA LEU B 43 -10.35 16.96 7.03
C LEU B 43 -9.14 16.13 7.45
N VAL B 44 -7.94 16.49 6.97
CA VAL B 44 -6.76 15.70 7.30
C VAL B 44 -6.51 15.61 8.79
N PRO B 45 -6.48 16.71 9.56
CA PRO B 45 -6.30 16.55 11.01
C PRO B 45 -7.41 15.77 11.69
N VAL B 46 -8.63 15.85 11.18
CA VAL B 46 -9.72 15.06 11.75
C VAL B 46 -9.45 13.57 11.54
N LEU B 47 -9.01 13.21 10.33
CA LEU B 47 -8.76 11.80 10.04
C LEU B 47 -7.57 11.29 10.84
N GLN B 48 -6.55 12.14 11.03
CA GLN B 48 -5.41 11.77 11.87
C GLN B 48 -5.87 11.54 13.30
N GLU B 49 -6.74 12.41 13.79
CA GLU B 49 -7.12 12.39 15.19
C GLU B 49 -8.11 11.27 15.50
N VAL B 50 -9.03 11.02 14.57
CA VAL B 50 -10.13 10.10 14.87
C VAL B 50 -9.77 8.69 14.44
N PHE B 51 -9.05 8.55 13.34
CA PHE B 51 -8.82 7.22 12.79
C PHE B 51 -7.35 6.83 12.77
N HIS B 52 -6.47 7.72 13.23
CA HIS B 52 -5.03 7.51 13.25
C HIS B 52 -4.48 7.19 11.85
N LEU B 53 -5.09 7.81 10.85
CA LEU B 53 -4.53 7.77 9.50
C LEU B 53 -3.22 8.55 9.47
N SER B 54 -2.25 8.07 8.69
CA SER B 54 -1.03 8.81 8.51
C SER B 54 -1.33 10.14 7.80
N PRO B 55 -0.51 11.17 8.02
CA PRO B 55 -0.69 12.44 7.29
C PRO B 55 -0.82 12.26 5.79
N GLU B 56 0.03 11.43 5.19
CA GLU B 56 0.01 11.28 3.73
C GLU B 56 -1.22 10.50 3.25
N LEU B 57 -1.55 9.40 3.93
CA LEU B 57 -2.74 8.65 3.55
C LEU B 57 -3.99 9.52 3.69
N ALA B 58 -4.11 10.25 4.81
CA ALA B 58 -5.24 11.15 5.00
C ALA B 58 -5.32 12.19 3.89
N GLN B 59 -4.17 12.79 3.54
CA GLN B 59 -4.13 13.77 2.47
C GLN B 59 -4.55 13.15 1.14
N THR B 60 -4.12 11.91 0.89
CA THR B 60 -4.42 11.27 -0.38
C THR B 60 -5.91 10.97 -0.51
N ILE B 61 -6.51 10.37 0.52
CA ILE B 61 -7.94 10.07 0.45
C ILE B 61 -8.76 11.35 0.42
N SER B 62 -8.38 12.36 1.21
CA SER B 62 -9.13 13.62 1.21
C SER B 62 -9.10 14.25 -0.17
N THR B 63 -7.95 14.15 -0.84
CA THR B 63 -7.80 14.71 -2.17
C THR B 63 -8.62 13.93 -3.18
N LEU B 64 -8.64 12.59 -3.05
CA LEU B 64 -9.53 11.78 -3.88
C LEU B 64 -10.98 12.19 -3.68
N GLY B 65 -11.35 12.47 -2.42
CA GLY B 65 -12.65 13.07 -2.13
C GLY B 65 -12.84 14.40 -2.82
N LEU B 66 -11.79 15.25 -2.82
CA LEU B 66 -11.91 16.57 -3.43
C LEU B 66 -12.15 16.48 -4.95
N PHE B 67 -11.53 15.50 -5.62
CA PHE B 67 -11.63 15.30 -7.07
C PHE B 67 -12.95 14.67 -7.47
N THR B 68 -13.82 14.53 -6.50
CA THR B 68 -15.21 14.17 -6.69
C THR B 68 -16.10 15.40 -6.89
N ALA B 69 -15.66 16.59 -6.47
CA ALA B 69 -16.40 17.81 -6.77
C ALA B 69 -16.39 18.10 -8.27
N GLN B 70 -17.45 18.76 -8.74
CA GLN B 70 -17.53 19.16 -10.14
C GLN B 70 -16.37 20.05 -10.54
N ASP B 71 -15.92 20.93 -9.63
CA ASP B 71 -14.76 21.78 -9.83
C ASP B 71 -13.84 21.65 -8.62
N PRO B 72 -12.83 20.79 -8.70
CA PRO B 72 -11.87 20.69 -7.58
C PRO B 72 -11.18 22.00 -7.24
N SER B 73 -10.97 22.89 -8.22
CA SER B 73 -10.33 24.18 -7.97
C SER B 73 -11.02 25.00 -6.89
N LYS B 74 -12.33 24.82 -6.72
CA LYS B 74 -13.00 25.52 -5.63
C LYS B 74 -12.45 25.11 -4.27
N GLY B 75 -11.68 24.02 -4.21
CA GLY B 75 -11.02 23.62 -2.98
C GLY B 75 -11.94 23.10 -1.90
N VAL B 76 -13.20 22.85 -2.25
CA VAL B 76 -14.23 22.44 -1.30
C VAL B 76 -15.01 21.31 -1.93
N PHE B 77 -15.44 20.35 -1.11
CA PHE B 77 -16.35 19.32 -1.59
C PHE B 77 -17.37 19.03 -0.48
N THR B 78 -18.37 18.22 -0.84
CA THR B 78 -19.46 17.86 0.03
C THR B 78 -19.66 16.35 0.03
N LEU B 79 -20.31 15.85 1.07
CA LEU B 79 -20.68 14.43 1.08
C LEU B 79 -21.54 14.04 -0.11
N ASP B 80 -22.25 14.99 -0.73
CA ASP B 80 -23.06 14.67 -1.91
C ASP B 80 -22.18 14.46 -3.12
N ASP B 81 -21.11 15.23 -3.25
CA ASP B 81 -20.12 14.94 -4.28
C ASP B 81 -19.64 13.49 -4.21
N LEU B 82 -19.43 12.97 -2.99
CA LEU B 82 -18.97 11.60 -2.82
C LEU B 82 -19.96 10.57 -3.37
N ASN B 83 -21.21 10.95 -3.58
CA ASN B 83 -22.21 10.05 -4.15
C ASN B 83 -22.07 9.86 -5.66
N ARG B 84 -21.12 10.51 -6.33
CA ARG B 84 -21.06 10.45 -7.79
C ARG B 84 -20.47 9.12 -8.26
N HIS B 85 -21.24 8.37 -9.04
CA HIS B 85 -20.86 7.02 -9.46
C HIS B 85 -19.58 7.00 -10.28
N ASN B 86 -18.72 6.03 -9.97
CA ASN B 86 -17.46 5.78 -10.68
C ASN B 86 -16.47 6.93 -10.62
N LEU B 87 -16.66 7.88 -9.71
CA LEU B 87 -15.57 8.79 -9.36
C LEU B 87 -14.80 8.22 -8.17
N PHE B 88 -15.44 8.13 -7.02
CA PHE B 88 -14.93 7.45 -5.85
C PHE B 88 -15.84 6.28 -5.50
N GLU B 89 -17.13 6.54 -5.37
CA GLU B 89 -18.14 5.49 -5.24
C GLU B 89 -18.01 4.47 -6.35
N HIS B 90 -18.29 3.20 -6.04
CA HIS B 90 -18.03 2.10 -6.96
C HIS B 90 -18.99 0.94 -6.71
N ASP B 91 -19.06 0.05 -7.70
CA ASP B 91 -19.87 -1.16 -7.58
C ASP B 91 -19.23 -2.13 -6.57
N ALA B 92 -20.01 -3.15 -6.21
CA ALA B 92 -19.63 -4.21 -5.28
C ALA B 92 -19.37 -3.66 -3.88
N SER B 93 -20.25 -2.76 -3.45
CA SER B 93 -20.15 -2.22 -2.11
C SER B 93 -20.72 -3.20 -1.09
N LEU B 94 -20.35 -3.00 0.18
CA LEU B 94 -20.72 -3.92 1.25
C LEU B 94 -22.10 -3.63 1.81
N SER B 95 -22.60 -2.41 1.67
CA SER B 95 -23.81 -1.98 2.35
C SER B 95 -24.71 -1.14 1.45
N ARG B 96 -24.34 -0.93 0.20
CA ARG B 96 -25.12 -0.16 -0.75
C ARG B 96 -25.24 -1.00 -2.01
N GLU B 97 -26.34 -0.78 -2.76
CA GLU B 97 -26.48 -1.50 -4.02
C GLU B 97 -25.73 -0.76 -5.13
N ASP B 98 -25.47 -1.49 -6.22
CA ASP B 98 -24.84 -0.89 -7.40
C ASP B 98 -25.72 0.21 -7.97
N TYR B 99 -25.06 1.28 -8.44
CA TYR B 99 -25.78 2.40 -9.06
C TYR B 99 -26.73 1.93 -10.13
N TYR B 100 -26.33 0.93 -10.93
CA TYR B 100 -27.13 0.43 -12.06
C TYR B 100 -28.61 0.25 -11.77
N PHE B 101 -28.94 -0.28 -10.60
CA PHE B 101 -30.27 -0.88 -10.41
C PHE B 101 -31.32 0.17 -10.16
N HIS B 102 -31.01 1.18 -9.37
CA HIS B 102 -32.01 2.19 -9.03
C HIS B 102 -31.44 3.60 -9.07
N LYS B 103 -30.22 3.79 -9.58
CA LYS B 103 -29.52 5.09 -9.53
C LYS B 103 -29.43 5.63 -8.10
N ASP B 104 -29.21 4.73 -7.16
CA ASP B 104 -28.98 5.13 -5.79
C ASP B 104 -27.97 4.16 -5.16
N ALA B 105 -26.69 4.50 -5.23
CA ALA B 105 -25.61 3.75 -4.61
C ALA B 105 -25.14 4.39 -3.30
N SER B 106 -25.97 5.25 -2.72
CA SER B 106 -25.67 6.04 -1.53
C SER B 106 -26.47 5.62 -0.31
N THR B 107 -27.74 5.29 -0.50
CA THR B 107 -28.60 4.92 0.63
C THR B 107 -28.28 3.52 1.14
N PHE B 108 -28.11 3.42 2.45
CA PHE B 108 -27.87 2.14 3.12
C PHE B 108 -28.97 1.13 2.79
N ARG B 109 -28.56 -0.08 2.42
CA ARG B 109 -29.47 -1.17 2.05
C ARG B 109 -29.40 -2.31 3.06
N PRO B 110 -30.37 -2.46 3.97
CA PRO B 110 -30.37 -3.61 4.88
C PRO B 110 -30.15 -4.94 4.17
N GLU B 111 -30.76 -5.15 3.00
CA GLU B 111 -30.62 -6.41 2.27
C GLU B 111 -29.19 -6.65 1.81
N VAL B 112 -28.51 -5.62 1.32
CA VAL B 112 -27.10 -5.79 0.95
C VAL B 112 -26.26 -6.06 2.20
N PHE B 113 -26.42 -5.24 3.23
CA PHE B 113 -25.63 -5.39 4.46
C PHE B 113 -25.89 -6.73 5.14
N LYS B 114 -27.14 -7.23 5.07
CA LYS B 114 -27.45 -8.57 5.55
C LYS B 114 -26.54 -9.61 4.88
N LYS B 115 -26.34 -9.50 3.57
CA LYS B 115 -25.49 -10.46 2.87
C LYS B 115 -24.03 -10.31 3.31
N PHE B 116 -23.56 -9.07 3.47
CA PHE B 116 -22.21 -8.81 3.98
C PHE B 116 -22.00 -9.48 5.33
N MET B 117 -22.89 -9.18 6.28
CA MET B 117 -22.77 -9.63 7.66
C MET B 117 -22.92 -11.14 7.80
N SER B 118 -23.56 -11.80 6.82
CA SER B 118 -23.71 -13.25 6.87
C SER B 118 -22.35 -13.95 6.92
N HIS B 119 -21.29 -13.30 6.45
CA HIS B 119 -19.96 -13.89 6.44
C HIS B 119 -19.30 -13.92 7.83
N PHE B 120 -19.91 -13.27 8.82
CA PHE B 120 -19.42 -13.26 10.19
C PHE B 120 -20.37 -13.93 11.16
N LYS B 121 -21.41 -14.60 10.66
CA LYS B 121 -22.39 -15.26 11.52
C LYS B 121 -21.67 -16.21 12.49
N GLY B 122 -22.09 -16.17 13.76
CA GLY B 122 -21.48 -16.99 14.78
C GLY B 122 -20.17 -16.47 15.35
N LYS B 123 -19.70 -15.30 14.88
CA LYS B 123 -18.39 -14.77 15.25
C LYS B 123 -18.53 -13.44 15.97
N GLU B 124 -17.74 -13.25 17.04
CA GLU B 124 -17.63 -11.97 17.73
C GLU B 124 -16.75 -10.99 16.97
N TYR B 125 -15.72 -11.50 16.29
CA TYR B 125 -14.69 -10.70 15.64
C TYR B 125 -14.57 -11.01 14.15
N VAL B 126 -14.23 -9.97 13.40
CA VAL B 126 -13.92 -10.11 11.97
C VAL B 126 -12.50 -10.64 11.84
N THR B 127 -12.32 -11.72 11.08
CA THR B 127 -10.99 -12.17 10.70
C THR B 127 -10.63 -11.69 9.30
N LEU B 128 -9.32 -11.57 9.03
CA LEU B 128 -8.87 -11.18 7.69
C LEU B 128 -9.53 -12.05 6.63
N GLU B 129 -9.61 -13.36 6.89
CA GLU B 129 -10.14 -14.31 5.93
C GLU B 129 -11.63 -14.08 5.67
N ASP B 130 -12.44 -13.88 6.72
CA ASP B 130 -13.86 -13.61 6.51
C ASP B 130 -14.09 -12.23 5.91
N ALA B 131 -13.32 -11.22 6.31
CA ALA B 131 -13.40 -9.92 5.65
C ALA B 131 -13.09 -10.05 4.17
N ALA B 132 -12.14 -10.93 3.81
CA ALA B 132 -11.79 -11.10 2.41
C ALA B 132 -12.94 -11.75 1.65
N SER B 133 -13.59 -12.71 2.29
CA SER B 133 -14.69 -13.45 1.65
C SER B 133 -15.90 -12.55 1.49
N ALA B 134 -16.19 -11.74 2.51
CA ALA B 134 -17.34 -10.85 2.46
C ALA B 134 -17.21 -9.84 1.33
N ARG B 135 -16.00 -9.28 1.15
CA ARG B 135 -15.81 -8.31 0.07
C ARG B 135 -15.88 -9.00 -1.29
N TYR B 136 -15.19 -10.13 -1.45
CA TYR B 136 -15.18 -10.81 -2.75
C TYR B 136 -16.57 -11.29 -3.15
N ALA B 137 -17.41 -11.65 -2.16
CA ALA B 137 -18.78 -12.05 -2.43
C ALA B 137 -19.54 -10.93 -3.15
N MET B 138 -19.28 -9.68 -2.75
CA MET B 138 -19.94 -8.55 -3.41
C MET B 138 -19.43 -8.36 -4.83
N VAL B 139 -18.14 -8.60 -5.05
CA VAL B 139 -17.59 -8.52 -6.41
C VAL B 139 -18.27 -9.53 -7.31
N GLN B 140 -18.44 -10.77 -6.81
CA GLN B 140 -19.01 -11.83 -7.63
C GLN B 140 -20.49 -11.58 -7.88
N GLU B 141 -21.20 -11.02 -6.91
CA GLU B 141 -22.61 -10.69 -7.11
C GLU B 141 -22.75 -9.62 -8.19
N SER B 142 -21.91 -8.57 -8.13
CA SER B 142 -21.96 -7.50 -9.13
C SER B 142 -21.60 -8.01 -10.51
N ARG B 143 -20.58 -8.88 -10.60
CA ARG B 143 -20.19 -9.42 -11.88
C ARG B 143 -21.29 -10.31 -12.45
N LYS B 144 -22.08 -10.93 -11.56
CA LYS B 144 -23.15 -11.82 -11.98
C LYS B 144 -24.42 -11.05 -12.39
N LYS B 145 -24.72 -9.91 -11.74
CA LYS B 145 -25.99 -9.23 -11.91
C LYS B 145 -25.92 -7.88 -12.63
N ASN B 146 -24.77 -7.24 -12.70
CA ASN B 146 -24.69 -5.87 -13.21
C ASN B 146 -23.96 -5.82 -14.54
N PRO B 147 -24.68 -5.57 -15.65
CA PRO B 147 -24.01 -5.56 -16.97
C PRO B 147 -23.08 -4.40 -17.14
N THR B 148 -23.15 -3.38 -16.30
CA THR B 148 -22.26 -2.22 -16.36
C THR B 148 -21.20 -2.26 -15.26
N PHE B 149 -20.98 -3.43 -14.67
CA PHE B 149 -20.01 -3.61 -13.60
C PHE B 149 -18.69 -2.97 -13.97
N THR B 150 -18.21 -2.05 -13.14
CA THR B 150 -16.92 -1.39 -13.36
C THR B 150 -16.02 -1.70 -12.17
N TYR B 151 -14.84 -2.26 -12.46
CA TYR B 151 -13.90 -2.78 -11.47
C TYR B 151 -12.49 -2.61 -12.02
N THR B 152 -12.04 -1.38 -12.18
CA THR B 152 -10.73 -1.13 -12.76
C THR B 152 -9.68 -1.06 -11.65
N VAL B 153 -8.43 -0.79 -12.05
CA VAL B 153 -7.35 -0.64 -11.07
C VAL B 153 -7.79 0.28 -9.93
N GLN B 154 -8.46 1.38 -10.28
CA GLN B 154 -8.86 2.38 -9.30
C GLN B 154 -9.89 1.84 -8.33
N GLN B 155 -10.93 1.16 -8.83
CA GLN B 155 -11.95 0.61 -7.92
C GLN B 155 -11.36 -0.50 -7.05
N ARG B 156 -10.44 -1.29 -7.59
CA ARG B 156 -9.92 -2.43 -6.86
C ARG B 156 -9.21 -1.98 -5.59
N ILE B 157 -8.29 -1.02 -5.72
CA ILE B 157 -7.54 -0.58 -4.54
C ILE B 157 -8.46 0.09 -3.54
N THR B 158 -9.48 0.83 -4.01
CA THR B 158 -10.40 1.47 -3.06
C THR B 158 -11.30 0.44 -2.35
N SER B 159 -11.79 -0.56 -3.09
CA SER B 159 -12.54 -1.67 -2.50
C SER B 159 -11.71 -2.44 -1.48
N TYR B 160 -10.51 -2.87 -1.85
CA TYR B 160 -9.62 -3.55 -0.89
C TYR B 160 -9.31 -2.62 0.28
N GLY B 161 -9.02 -1.35 -0.04
CA GLY B 161 -8.65 -0.39 1.00
C GLY B 161 -9.73 -0.14 2.01
N GLU B 162 -11.00 -0.17 1.58
CA GLU B 162 -12.11 0.12 2.48
C GLU B 162 -12.32 -1.00 3.46
N THR B 163 -12.10 -2.24 3.04
CA THR B 163 -12.16 -3.35 3.97
C THR B 163 -11.05 -3.23 5.02
N ILE B 164 -9.85 -2.86 4.60
CA ILE B 164 -8.74 -2.66 5.54
C ILE B 164 -9.03 -1.51 6.49
N LYS B 165 -9.68 -0.46 5.97
CA LYS B 165 -10.00 0.70 6.80
C LYS B 165 -10.88 0.33 7.97
N TYR B 166 -12.01 -0.36 7.74
CA TYR B 166 -12.83 -0.73 8.89
C TYR B 166 -12.12 -1.78 9.75
N PHE B 167 -11.42 -2.71 9.10
CA PHE B 167 -10.76 -3.80 9.81
C PHE B 167 -9.71 -3.29 10.77
N ARG B 168 -9.04 -2.19 10.43
CA ARG B 168 -7.95 -1.66 11.25
C ARG B 168 -8.36 -0.49 12.13
N THR B 169 -9.42 0.23 11.80
CA THR B 169 -9.77 1.42 12.58
C THR B 169 -10.91 1.19 13.56
N ILE B 170 -11.84 0.29 13.24
CA ILE B 170 -12.95 0.00 14.14
C ILE B 170 -12.54 -1.16 15.03
N VAL B 171 -11.58 -0.93 15.93
CA VAL B 171 -10.97 -2.01 16.68
C VAL B 171 -10.96 -1.70 18.16
N GLU B 172 -10.87 -2.77 18.95
CA GLU B 172 -10.83 -2.66 20.40
C GLU B 172 -9.51 -2.06 20.83
N PRO B 173 -9.50 -1.07 21.71
CA PRO B 173 -8.22 -0.63 22.27
C PRO B 173 -7.42 -1.75 22.92
N ALA B 174 -8.08 -2.73 23.52
CA ALA B 174 -7.35 -3.77 24.25
C ALA B 174 -6.63 -4.72 23.29
N THR B 175 -7.24 -5.05 22.15
CA THR B 175 -6.76 -6.15 21.35
C THR B 175 -6.39 -5.80 19.91
N GLY B 176 -6.77 -4.63 19.40
CA GLY B 176 -6.67 -4.36 17.98
C GLY B 176 -7.58 -5.20 17.09
N LYS B 177 -8.51 -5.96 17.68
CA LYS B 177 -9.46 -6.81 16.96
C LYS B 177 -10.73 -6.04 16.59
N CYS B 178 -11.34 -6.42 15.47
CA CYS B 178 -12.52 -5.75 14.92
C CYS B 178 -13.80 -6.45 15.37
N PRO B 179 -14.60 -5.86 16.26
CA PRO B 179 -15.86 -6.51 16.69
C PRO B 179 -16.96 -6.39 15.64
N VAL B 180 -17.55 -7.53 15.29
CA VAL B 180 -18.73 -7.54 14.42
C VAL B 180 -19.77 -6.52 14.90
N ALA B 181 -20.05 -6.50 16.21
CA ALA B 181 -21.08 -5.62 16.74
C ALA B 181 -20.75 -4.15 16.50
N TRP B 182 -19.46 -3.81 16.43
CA TRP B 182 -19.04 -2.44 16.20
C TRP B 182 -19.21 -2.07 14.73
N ILE B 183 -18.93 -3.01 13.82
CA ILE B 183 -19.21 -2.81 12.39
C ILE B 183 -20.70 -2.59 12.17
N LYS B 184 -21.55 -3.31 12.90
CA LYS B 184 -22.98 -3.14 12.78
C LYS B 184 -23.39 -1.71 13.17
N ILE B 185 -22.79 -1.19 14.25
CA ILE B 185 -23.11 0.18 14.68
C ILE B 185 -22.65 1.18 13.64
N LEU B 186 -21.39 1.07 13.19
CA LEU B 186 -20.85 2.01 12.22
C LEU B 186 -21.75 2.11 10.99
N PHE B 187 -22.19 0.96 10.47
CA PHE B 187 -22.89 0.92 9.19
C PHE B 187 -24.37 1.27 9.36
N GLU B 188 -25.00 0.72 10.41
CA GLU B 188 -26.44 0.87 10.61
C GLU B 188 -26.80 2.22 11.22
N GLN B 189 -25.97 2.73 12.13
CA GLN B 189 -26.24 3.99 12.80
C GLN B 189 -25.37 5.15 12.33
N GLU B 190 -24.26 4.86 11.64
CA GLU B 190 -23.28 5.89 11.28
C GLU B 190 -22.91 6.68 12.52
N ARG B 191 -22.47 5.92 13.50
CA ARG B 191 -21.98 6.40 14.80
C ARG B 191 -20.70 5.63 15.10
N LEU B 192 -19.67 6.35 15.55
CA LEU B 192 -18.47 5.66 16.03
C LEU B 192 -18.79 5.06 17.39
N PRO B 193 -18.53 3.76 17.61
CA PRO B 193 -19.02 3.11 18.84
C PRO B 193 -18.24 3.48 20.11
N TYR B 194 -17.99 4.79 20.28
CA TYR B 194 -17.31 5.31 21.46
C TYR B 194 -18.02 4.84 22.74
N ASN B 195 -19.35 4.95 22.76
CA ASN B 195 -20.17 4.55 23.90
C ASN B 195 -19.90 3.11 24.32
N GLU B 196 -19.63 2.24 23.34
CA GLU B 196 -19.43 0.81 23.56
C GLU B 196 -17.97 0.43 23.86
N GLY B 197 -17.06 1.39 23.90
CA GLY B 197 -15.66 1.13 24.20
C GLY B 197 -14.69 1.44 23.07
N TRP B 198 -15.13 1.89 21.90
CA TRP B 198 -14.20 2.19 20.83
C TRP B 198 -13.47 3.49 21.13
N ARG B 199 -12.19 3.54 20.76
CA ARG B 199 -11.38 4.74 20.84
C ARG B 199 -10.54 4.81 19.57
N PRO B 200 -10.10 5.99 19.16
CA PRO B 200 -9.19 6.07 18.01
C PRO B 200 -8.09 5.04 18.15
N PRO B 201 -7.77 4.32 17.07
CA PRO B 201 -6.86 3.18 17.18
C PRO B 201 -5.45 3.59 17.59
N LYS B 202 -4.82 2.70 18.38
CA LYS B 202 -3.42 2.87 18.79
C LYS B 202 -2.48 2.83 17.60
N ALA B 203 -2.73 1.94 16.64
CA ALA B 203 -1.83 1.79 15.50
C ALA B 203 -2.18 2.81 14.41
N GLU B 204 -1.15 3.36 13.77
CA GLU B 204 -1.36 4.27 12.65
C GLU B 204 -1.65 3.46 11.39
N LEU B 205 -2.59 3.93 10.58
CA LEU B 205 -2.86 3.33 9.27
C LEU B 205 -2.16 4.24 8.25
N SER B 206 -1.02 3.78 7.72
CA SER B 206 -0.22 4.53 6.76
C SER B 206 -0.32 3.86 5.39
N GLY B 207 0.19 4.55 4.37
CA GLY B 207 0.19 3.97 3.03
C GLY B 207 0.96 2.65 2.98
N PHE B 208 2.09 2.60 3.67
CA PHE B 208 2.89 1.38 3.72
C PHE B 208 2.16 0.26 4.45
N SER B 209 1.61 0.55 5.64
CA SER B 209 0.94 -0.51 6.39
C SER B 209 -0.33 -0.95 5.67
N MET B 210 -1.02 -0.02 5.00
CA MET B 210 -2.14 -0.38 4.14
C MET B 210 -1.70 -1.31 3.02
N ALA B 211 -0.55 -1.03 2.42
CA ALA B 211 -0.04 -1.87 1.34
C ALA B 211 0.16 -3.31 1.81
N SER B 212 0.70 -3.47 3.02
CA SER B 212 0.87 -4.81 3.58
C SER B 212 -0.48 -5.47 3.79
N ASP B 213 -1.43 -4.72 4.34
CA ASP B 213 -2.73 -5.28 4.69
C ASP B 213 -3.52 -5.64 3.45
N VAL B 214 -3.43 -4.82 2.40
CA VAL B 214 -4.12 -5.12 1.16
C VAL B 214 -3.50 -6.34 0.52
N LEU B 215 -2.17 -6.45 0.59
CA LEU B 215 -1.50 -7.65 0.10
C LEU B 215 -2.02 -8.89 0.82
N GLU B 216 -2.04 -8.87 2.15
CA GLU B 216 -2.47 -10.04 2.91
C GLU B 216 -3.93 -10.37 2.64
N LEU B 217 -4.76 -9.34 2.45
CA LEU B 217 -6.17 -9.61 2.12
C LEU B 217 -6.28 -10.30 0.77
N ALA B 218 -5.47 -9.85 -0.20
CA ALA B 218 -5.53 -10.45 -1.52
C ALA B 218 -5.01 -11.88 -1.50
N LEU B 219 -4.05 -12.18 -0.62
CA LEU B 219 -3.50 -13.52 -0.55
C LEU B 219 -4.48 -14.52 0.05
N VAL B 220 -5.51 -14.05 0.75
CA VAL B 220 -6.57 -14.92 1.27
C VAL B 220 -7.88 -14.67 0.53
N THR B 221 -7.82 -14.05 -0.64
CA THR B 221 -8.96 -13.91 -1.55
C THR B 221 -8.75 -14.78 -2.78
N PRO B 222 -9.70 -15.61 -3.16
CA PRO B 222 -9.56 -16.41 -4.37
C PRO B 222 -9.83 -15.60 -5.63
N GLU B 223 -9.16 -14.46 -5.74
CA GLU B 223 -9.31 -13.49 -6.82
C GLU B 223 -8.01 -13.38 -7.59
N LYS B 224 -8.11 -13.52 -8.91
CA LYS B 224 -6.96 -13.34 -9.79
C LYS B 224 -7.44 -12.65 -11.06
N LEU B 225 -6.52 -11.91 -11.69
CA LEU B 225 -6.75 -11.42 -13.04
C LEU B 225 -5.95 -12.25 -14.05
N ILE B 226 -5.43 -13.39 -13.60
CA ILE B 226 -4.79 -14.41 -14.41
C ILE B 226 -5.47 -15.74 -14.12
N ASP B 227 -5.58 -16.60 -15.14
CA ASP B 227 -6.04 -17.97 -14.92
C ASP B 227 -5.24 -18.95 -15.77
FE HEC C . 16.13 -1.45 -1.68
CHA HEC C . 16.30 -4.83 -1.86
CHB HEC C . 15.11 -1.35 -5.04
CHC HEC C . 15.32 1.86 -1.37
CHD HEC C . 17.07 -1.55 1.64
NA HEC C . 15.77 -2.82 -3.17
C1A HEC C . 15.91 -4.18 -3.00
C2A HEC C . 15.61 -4.79 -4.28
C3A HEC C . 15.28 -3.84 -5.14
C4A HEC C . 15.38 -2.57 -4.48
CMA HEC C . 14.86 -4.05 -6.60
CAA HEC C . 15.62 -6.30 -4.57
CBA HEC C . 17.04 -6.83 -4.71
CGA HEC C . 17.03 -8.33 -4.87
O1A HEC C . 18.09 -8.90 -5.21
O2A HEC C . 15.96 -8.97 -4.64
NB HEC C . 15.32 -0.03 -2.97
C1B HEC C . 15.05 -0.19 -4.31
C2B HEC C . 14.69 1.10 -4.85
C3B HEC C . 14.75 1.99 -3.87
C4B HEC C . 15.14 1.31 -2.64
CMB HEC C . 14.33 1.38 -6.34
CAB HEC C . 14.42 3.47 -4.12
CBB HEC C . 14.38 4.38 -3.15
NC HEC C . 16.17 -0.13 -0.13
C1C HEC C . 15.83 1.23 -0.23
C2C HEC C . 16.10 1.83 1.06
C3C HEC C . 16.57 0.88 1.88
C4C HEC C . 16.63 -0.36 1.15
CMC HEC C . 15.84 3.33 1.40
CAC HEC C . 17.04 0.96 3.36
CBC HEC C . 17.39 2.08 3.99
ND HEC C . 16.54 -2.89 -0.35
C1D HEC C . 17.00 -2.74 0.94
C2D HEC C . 17.39 -4.04 1.44
C3D HEC C . 17.17 -4.95 0.49
C4D HEC C . 16.63 -4.25 -0.67
CMD HEC C . 17.96 -4.31 2.88
CAD HEC C . 17.43 -6.48 0.56
CBD HEC C . 16.12 -7.28 0.51
CGD HEC C . 16.48 -8.67 -0.01
O1D HEC C . 17.00 -9.53 0.73
O2D HEC C . 16.22 -8.89 -1.22
MG MG D . 17.79 -11.39 0.30
MG MG E . -20.61 1.68 -4.08
FE HEC F . -14.85 5.74 3.21
CHA HEC F . -16.65 3.61 1.31
CHB HEC F . -14.58 3.34 5.68
CHC HEC F . -12.46 7.60 4.89
CHD HEC F . -15.00 8.15 0.77
NA HEC F . -15.48 3.86 3.45
C1A HEC F . -16.21 3.14 2.52
C2A HEC F . -16.44 1.81 3.06
C3A HEC F . -15.88 1.75 4.26
C4A HEC F . -15.26 3.02 4.53
CMA HEC F . -15.82 0.54 5.21
CAA HEC F . -17.21 0.68 2.33
CBA HEC F . -18.73 0.92 2.41
CGA HEC F . -19.46 -0.06 1.52
O1A HEC F . -20.73 -0.07 1.56
O2A HEC F . -18.79 -0.82 0.76
NB HEC F . -13.71 5.49 4.95
C1B HEC F . -13.80 4.44 5.83
C2B HEC F . -12.94 4.71 6.97
C3B HEC F . -12.36 5.87 6.76
C4B HEC F . -12.81 6.40 5.49
CMB HEC F . -12.77 3.78 8.20
CAB HEC F . -11.36 6.48 7.76
CBB HEC F . -10.59 7.51 7.46
NC HEC F . -13.88 7.53 2.87
C1C HEC F . -12.97 8.13 3.72
C2C HEC F . -12.64 9.42 3.15
C3C HEC F . -13.33 9.56 2.01
C4C HEC F . -14.13 8.37 1.81
CMC HEC F . -11.64 10.42 3.79
CAC HEC F . -13.37 10.75 1.01
CBC HEC F . -12.92 11.98 1.27
ND HEC F . -15.62 5.85 1.38
C1D HEC F . -15.67 6.96 0.56
C2D HEC F . -16.56 6.65 -0.55
C3D HEC F . -17.00 5.41 -0.39
C4D HEC F . -16.43 4.88 0.83
CMD HEC F . -16.93 7.59 -1.72
CAD HEC F . -17.96 4.64 -1.32
CBD HEC F . -17.21 3.48 -1.98
CGD HEC F . -18.22 2.43 -2.39
O1D HEC F . -18.84 2.61 -3.45
O2D HEC F . -18.36 1.41 -1.66
#